data_3W0Y
#
_entry.id   3W0Y
#
_cell.length_a   45.217
_cell.length_b   51.124
_cell.length_c   132.664
_cell.angle_alpha   90.00
_cell.angle_beta   90.00
_cell.angle_gamma   90.00
#
_symmetry.space_group_name_H-M   'P 21 21 21'
#
loop_
_entity.id
_entity.type
_entity.pdbx_description
1 polymer 'Vitamin D3 receptor'
2 non-polymer "[3-fluoro-2'-methyl-4'-(3-{3-methyl-4-[(1E)-4,4,4-trifluoro-3-hydroxy-3-(trifluoromethyl)but-1-en-1-yl]phenyl}pentan-3-yl)biphenyl-4-yl]acetic acid"
3 water water
#
_entity_poly.entity_id   1
_entity_poly.type   'polypeptide(L)'
_entity_poly.pdbx_seq_one_letter_code
;LRPKLSEEQQRIIAILLDAHHKTYDPTYSDFCQFRPPVRVNDGGGSVTLELSQLSMLPHLADLVSYSIQKVIGFAKMIPG
FRDLTSEDQIVLLKSSAIEVIMLRSNESFTMDDMSWTCGNQDYKYRVSDVTKAGHSLELIEPLIKFQVGLKKLNLHEEEH
VLLMAICIVSPDRPGVQDAALIEAIQDRLSNTLQTYIRCRHPPPGSHLLYAKMIQKLADLRSLNEEHSKQYRCLSFQPEC
SMKLTPLVLEVFG
;
_entity_poly.pdbx_strand_id   A
#
loop_
_chem_comp.id
_chem_comp.type
_chem_comp.name
_chem_comp.formula
DS4 non-polymer '[3-fluoro-2'-methyl-4'-(3-{3-methyl-4-[(1E)-4,4,4-trifluoro-3-hydroxy-3-(trifluoromethyl)but-1-en-1-yl]phenyl}pentan-3-yl)biphenyl-4-yl]acetic acid' 'C32 H31 F7 O3'
#
# COMPACT_ATOMS: atom_id res chain seq x y z
N LEU A 1 14.86 -21.86 -18.70
CA LEU A 1 14.46 -22.99 -17.87
C LEU A 1 13.26 -22.60 -17.04
N ARG A 2 12.29 -23.53 -16.91
CA ARG A 2 11.08 -23.29 -16.13
C ARG A 2 10.90 -24.33 -15.03
N PRO A 3 11.68 -24.24 -13.92
CA PRO A 3 11.51 -25.20 -12.83
C PRO A 3 10.11 -25.13 -12.25
N LYS A 4 9.64 -26.25 -11.74
CA LYS A 4 8.31 -26.32 -11.15
C LYS A 4 8.40 -25.69 -9.78
N LEU A 5 7.27 -25.19 -9.28
CA LEU A 5 7.23 -24.66 -7.92
C LEU A 5 7.45 -25.86 -6.98
N SER A 6 8.26 -25.70 -5.94
CA SER A 6 8.50 -26.75 -4.96
C SER A 6 7.26 -26.86 -4.05
N GLU A 7 7.17 -27.93 -3.23
CA GLU A 7 6.06 -28.10 -2.28
C GLU A 7 6.05 -26.93 -1.27
N GLU A 8 7.26 -26.45 -0.87
CA GLU A 8 7.40 -25.32 0.05
C GLU A 8 6.89 -24.02 -0.59
N GLN A 9 7.22 -23.78 -1.88
CA GLN A 9 6.79 -22.58 -2.63
C GLN A 9 5.29 -22.58 -2.82
N GLN A 10 4.69 -23.77 -3.07
CA GLN A 10 3.23 -23.96 -3.19
C GLN A 10 2.55 -23.63 -1.84
N ARG A 11 3.17 -24.08 -0.73
CA ARG A 11 2.70 -23.85 0.64
C ARG A 11 2.72 -22.34 0.95
N ILE A 12 3.83 -21.62 0.62
CA ILE A 12 4.00 -20.17 0.80
C ILE A 12 2.90 -19.41 0.04
N ILE A 13 2.65 -19.75 -1.25
CA ILE A 13 1.60 -19.10 -2.04
C ILE A 13 0.21 -19.30 -1.41
N ALA A 14 -0.11 -20.55 -0.98
CA ALA A 14 -1.42 -20.85 -0.40
C ALA A 14 -1.62 -20.06 0.89
N ILE A 15 -0.57 -19.94 1.72
CA ILE A 15 -0.65 -19.17 2.96
C ILE A 15 -0.93 -17.66 2.66
N LEU A 16 -0.17 -17.08 1.72
CA LEU A 16 -0.30 -15.66 1.35
C LEU A 16 -1.66 -15.32 0.74
N LEU A 17 -2.18 -16.23 -0.12
CA LEU A 17 -3.51 -16.06 -0.72
C LEU A 17 -4.56 -16.11 0.39
N ASP A 18 -4.45 -17.11 1.29
CA ASP A 18 -5.41 -17.21 2.40
C ASP A 18 -5.33 -15.97 3.32
N ALA A 19 -4.10 -15.51 3.63
CA ALA A 19 -3.87 -14.32 4.44
C ALA A 19 -4.50 -13.09 3.77
N HIS A 20 -4.32 -12.94 2.47
CA HIS A 20 -4.93 -11.83 1.75
C HIS A 20 -6.45 -11.89 1.77
N HIS A 21 -7.04 -13.09 1.54
CA HIS A 21 -8.51 -13.23 1.49
C HIS A 21 -9.13 -12.86 2.84
N LYS A 22 -8.39 -13.03 3.94
CA LYS A 22 -8.87 -12.72 5.29
C LYS A 22 -8.62 -11.28 5.70
N THR A 23 -7.75 -10.55 4.98
CA THR A 23 -7.38 -9.19 5.40
C THR A 23 -7.65 -8.14 4.35
N TYR A 24 -8.32 -8.47 3.23
CA TYR A 24 -8.66 -7.46 2.23
C TYR A 24 -10.13 -7.63 1.85
N ASP A 25 -10.91 -6.56 1.95
CA ASP A 25 -12.34 -6.56 1.64
C ASP A 25 -12.64 -5.92 0.26
N PRO A 26 -12.91 -6.76 -0.75
CA PRO A 26 -13.23 -6.21 -2.08
C PRO A 26 -14.65 -5.61 -2.19
N THR A 27 -15.40 -5.57 -1.07
CA THR A 27 -16.74 -4.98 -1.05
C THR A 27 -16.75 -3.65 -0.30
N TYR A 28 -15.62 -3.31 0.37
CA TYR A 28 -15.42 -2.02 1.06
C TYR A 28 -16.56 -1.77 2.06
N SER A 29 -17.06 -2.86 2.65
CA SER A 29 -18.25 -2.85 3.52
C SER A 29 -18.05 -2.15 4.87
N ASP A 30 -16.80 -1.93 5.31
CA ASP A 30 -16.58 -1.21 6.57
C ASP A 30 -16.49 0.30 6.35
N PHE A 31 -16.50 0.79 5.10
CA PHE A 31 -16.29 2.23 4.79
C PHE A 31 -17.31 3.16 5.42
N CYS A 32 -18.54 2.67 5.63
CA CYS A 32 -19.60 3.44 6.29
C CYS A 32 -19.28 3.69 7.79
N GLN A 33 -18.32 2.95 8.37
CA GLN A 33 -17.94 3.10 9.78
C GLN A 33 -16.89 4.19 10.02
N PHE A 34 -16.24 4.69 8.94
CA PHE A 34 -15.20 5.73 9.00
C PHE A 34 -15.87 7.08 9.12
N ARG A 35 -15.12 8.12 9.57
CA ARG A 35 -15.67 9.48 9.66
C ARG A 35 -16.01 9.88 8.23
N PRO A 36 -17.18 10.53 8.02
CA PRO A 36 -17.65 10.74 6.65
C PRO A 36 -16.77 11.59 5.76
N PRO A 37 -16.71 11.28 4.44
CA PRO A 37 -15.99 12.16 3.51
C PRO A 37 -16.76 13.48 3.42
N VAL A 38 -16.06 14.61 3.31
CA VAL A 38 -16.66 15.94 3.16
C VAL A 38 -15.92 16.57 2.00
N ARG A 39 -16.67 16.96 0.95
CA ARG A 39 -16.12 17.57 -0.26
C ARG A 39 -16.67 19.00 -0.38
N VAL A 40 -15.74 19.97 -0.37
CA VAL A 40 -16.01 21.41 -0.47
C VAL A 40 -15.55 21.94 -1.85
N ASN A 41 -15.87 23.21 -2.17
CA ASN A 41 -15.48 23.81 -3.47
C ASN A 41 -13.98 24.16 -3.47
N ASP A 42 -13.19 23.44 -4.28
CA ASP A 42 -11.75 23.65 -4.43
C ASP A 42 -11.30 23.32 -5.87
N GLY A 43 -11.89 24.02 -6.84
CA GLY A 43 -11.60 23.84 -8.25
C GLY A 43 -10.17 24.20 -8.62
N GLY A 44 -9.68 25.28 -8.02
CA GLY A 44 -8.32 25.78 -8.26
C GLY A 44 -7.21 24.98 -7.66
N GLY A 45 -7.53 24.11 -6.72
CA GLY A 45 -6.53 23.32 -6.00
C GLY A 45 -5.63 24.19 -5.16
N SER A 46 -6.23 25.20 -4.48
CA SER A 46 -5.59 26.18 -3.60
C SER A 46 -5.04 25.48 -2.38
N VAL A 47 -3.72 25.53 -2.19
CA VAL A 47 -3.03 24.91 -1.04
C VAL A 47 -3.55 25.55 0.24
N THR A 48 -3.68 26.90 0.26
CA THR A 48 -4.15 27.64 1.44
C THR A 48 -5.53 27.18 1.87
N LEU A 49 -6.47 27.08 0.92
CA LEU A 49 -7.84 26.65 1.20
C LEU A 49 -7.86 25.21 1.70
N GLU A 50 -7.12 24.30 1.03
CA GLU A 50 -7.07 22.89 1.44
C GLU A 50 -6.51 22.76 2.85
N LEU A 51 -5.42 23.46 3.18
CA LEU A 51 -4.85 23.39 4.54
C LEU A 51 -5.78 23.97 5.61
N SER A 52 -6.55 25.01 5.25
CA SER A 52 -7.49 25.63 6.19
C SER A 52 -8.74 24.77 6.49
N GLN A 53 -9.07 23.84 5.59
CA GLN A 53 -10.28 23.02 5.73
C GLN A 53 -9.99 21.56 6.04
N LEU A 54 -9.10 20.94 5.24
CA LEU A 54 -8.71 19.52 5.31
C LEU A 54 -9.98 18.65 5.40
N SER A 55 -11.00 18.99 4.60
CA SER A 55 -12.33 18.37 4.60
C SER A 55 -12.31 16.86 4.44
N MET A 56 -11.42 16.32 3.59
CA MET A 56 -11.30 14.88 3.32
C MET A 56 -10.30 14.16 4.25
N LEU A 57 -9.57 14.91 5.10
CA LEU A 57 -8.57 14.31 6.00
C LEU A 57 -9.15 13.29 7.00
N PRO A 58 -10.25 13.53 7.77
CA PRO A 58 -10.72 12.48 8.71
C PRO A 58 -11.05 11.16 8.01
N HIS A 59 -11.69 11.25 6.84
CA HIS A 59 -12.07 10.05 6.07
C HIS A 59 -10.86 9.33 5.52
N LEU A 60 -9.95 10.05 4.83
CA LEU A 60 -8.74 9.42 4.29
C LEU A 60 -7.79 8.88 5.37
N ALA A 61 -7.69 9.56 6.53
CA ALA A 61 -6.84 9.08 7.66
C ALA A 61 -7.47 7.80 8.20
N ASP A 62 -8.82 7.72 8.26
CA ASP A 62 -9.50 6.50 8.70
C ASP A 62 -9.26 5.37 7.73
N LEU A 63 -9.35 5.68 6.41
CA LEU A 63 -9.09 4.71 5.33
C LEU A 63 -7.67 4.08 5.49
N VAL A 64 -6.64 4.94 5.71
CA VAL A 64 -5.25 4.49 5.87
C VAL A 64 -5.05 3.77 7.22
N SER A 65 -5.62 4.31 8.32
CA SER A 65 -5.46 3.69 9.64
C SER A 65 -6.07 2.24 9.59
N TYR A 66 -7.26 2.08 8.98
CA TYR A 66 -7.93 0.78 8.82
C TYR A 66 -7.04 -0.18 8.03
N SER A 67 -6.46 0.30 6.90
CA SER A 67 -5.59 -0.49 6.02
C SER A 67 -4.33 -0.91 6.73
N ILE A 68 -3.76 -0.03 7.57
CA ILE A 68 -2.55 -0.39 8.35
C ILE A 68 -2.85 -1.60 9.24
N GLN A 69 -4.01 -1.60 9.93
CA GLN A 69 -4.43 -2.70 10.78
C GLN A 69 -4.52 -4.00 9.96
N LYS A 70 -5.07 -3.93 8.75
CA LYS A 70 -5.16 -5.12 7.89
C LYS A 70 -3.77 -5.60 7.43
N VAL A 71 -2.87 -4.65 7.09
CA VAL A 71 -1.47 -4.93 6.68
C VAL A 71 -0.76 -5.63 7.86
N ILE A 72 -0.94 -5.13 9.09
CA ILE A 72 -0.34 -5.77 10.28
C ILE A 72 -0.75 -7.25 10.35
N GLY A 73 -2.04 -7.51 10.16
CA GLY A 73 -2.59 -8.86 10.17
C GLY A 73 -2.08 -9.70 9.02
N PHE A 74 -1.94 -9.08 7.83
CA PHE A 74 -1.40 -9.81 6.67
C PHE A 74 0.05 -10.22 6.94
N ALA A 75 0.86 -9.26 7.42
CA ALA A 75 2.30 -9.49 7.66
C ALA A 75 2.56 -10.61 8.64
N LYS A 76 1.76 -10.70 9.72
CA LYS A 76 1.89 -11.76 10.72
C LYS A 76 1.76 -13.15 10.10
N MET A 77 1.09 -13.26 8.94
CA MET A 77 0.91 -14.52 8.23
C MET A 77 1.99 -14.80 7.18
N ILE A 78 2.88 -13.83 6.88
CA ILE A 78 3.96 -14.03 5.91
C ILE A 78 4.94 -15.09 6.47
N PRO A 79 5.25 -16.18 5.72
CA PRO A 79 6.23 -17.18 6.23
C PRO A 79 7.59 -16.57 6.55
N GLY A 80 8.01 -16.73 7.80
CA GLY A 80 9.28 -16.23 8.30
C GLY A 80 9.16 -14.92 9.06
N PHE A 81 8.10 -14.13 8.80
CA PHE A 81 7.90 -12.83 9.50
C PHE A 81 7.94 -12.93 11.02
N ARG A 82 7.31 -13.98 11.60
CA ARG A 82 7.32 -14.21 13.06
C ARG A 82 8.71 -14.66 13.58
N ASP A 83 9.63 -15.09 12.69
CA ASP A 83 11.01 -15.48 13.08
C ASP A 83 11.87 -14.24 13.37
N LEU A 84 11.45 -13.05 12.88
CA LEU A 84 12.13 -11.79 13.11
C LEU A 84 11.85 -11.31 14.52
N THR A 85 12.73 -10.45 15.09
CA THR A 85 12.44 -9.89 16.42
C THR A 85 11.23 -8.96 16.28
N SER A 86 10.50 -8.69 17.38
CA SER A 86 9.35 -7.78 17.37
C SER A 86 9.80 -6.38 16.92
N GLU A 87 11.02 -5.97 17.32
CA GLU A 87 11.62 -4.69 16.93
C GLU A 87 11.74 -4.58 15.40
N ASP A 88 12.26 -5.64 14.74
CA ASP A 88 12.40 -5.65 13.28
C ASP A 88 11.03 -5.72 12.58
N GLN A 89 10.07 -6.42 13.17
CA GLN A 89 8.71 -6.50 12.63
C GLN A 89 8.06 -5.12 12.58
N ILE A 90 8.16 -4.34 13.67
CA ILE A 90 7.56 -3.00 13.76
C ILE A 90 8.25 -2.02 12.80
N VAL A 91 9.59 -2.10 12.68
CA VAL A 91 10.36 -1.26 11.77
C VAL A 91 9.88 -1.52 10.33
N LEU A 92 9.75 -2.80 9.93
CA LEU A 92 9.29 -3.19 8.60
C LEU A 92 7.88 -2.74 8.29
N LEU A 93 6.94 -2.86 9.24
CA LEU A 93 5.54 -2.45 9.06
C LEU A 93 5.39 -0.95 8.92
N LYS A 94 6.05 -0.18 9.81
CA LYS A 94 6.03 1.28 9.78
C LYS A 94 6.61 1.86 8.50
N SER A 95 7.76 1.33 8.06
CA SER A 95 8.45 1.85 6.87
C SER A 95 7.77 1.46 5.54
N SER A 96 7.05 0.35 5.49
CA SER A 96 6.38 -0.11 4.28
C SER A 96 4.87 0.19 4.24
N ALA A 97 4.28 0.66 5.36
CA ALA A 97 2.83 0.86 5.47
C ALA A 97 2.18 1.54 4.26
N ILE A 98 2.59 2.77 3.91
CA ILE A 98 1.96 3.50 2.83
C ILE A 98 2.18 2.81 1.47
N GLU A 99 3.32 2.10 1.32
CA GLU A 99 3.62 1.40 0.07
C GLU A 99 2.66 0.26 -0.14
N VAL A 100 2.44 -0.57 0.91
CA VAL A 100 1.51 -1.68 0.90
C VAL A 100 0.10 -1.18 0.64
N ILE A 101 -0.29 -0.06 1.25
CA ILE A 101 -1.62 0.53 1.04
C ILE A 101 -1.78 0.93 -0.43
N MET A 102 -0.73 1.51 -1.02
CA MET A 102 -0.75 1.89 -2.44
C MET A 102 -0.98 0.66 -3.31
N LEU A 103 -0.33 -0.50 -2.97
CA LEU A 103 -0.52 -1.77 -3.69
C LEU A 103 -1.94 -2.32 -3.48
N ARG A 104 -2.42 -2.34 -2.23
CA ARG A 104 -3.76 -2.83 -1.89
C ARG A 104 -4.84 -2.00 -2.57
N SER A 105 -4.64 -0.67 -2.68
CA SER A 105 -5.66 0.21 -3.28
C SER A 105 -5.86 -0.02 -4.80
N ASN A 106 -4.92 -0.73 -5.45
CA ASN A 106 -5.00 -0.96 -6.90
C ASN A 106 -6.22 -1.79 -7.34
N GLU A 107 -6.69 -2.70 -6.47
CA GLU A 107 -7.87 -3.54 -6.71
C GLU A 107 -9.12 -2.67 -6.96
N SER A 108 -9.30 -1.58 -6.17
CA SER A 108 -10.44 -0.67 -6.33
C SER A 108 -10.22 0.38 -7.41
N PHE A 109 -8.96 0.56 -7.85
CA PHE A 109 -8.61 1.54 -8.87
C PHE A 109 -9.20 1.11 -10.21
N THR A 110 -9.74 2.07 -10.95
CA THR A 110 -10.31 1.81 -12.26
C THR A 110 -9.82 2.80 -13.30
N MET A 111 -9.39 2.28 -14.44
CA MET A 111 -8.95 3.09 -15.57
C MET A 111 -10.12 3.67 -16.37
N ASP A 112 -11.35 3.22 -16.09
CA ASP A 112 -12.54 3.74 -16.79
C ASP A 112 -12.61 5.27 -16.62
N ASP A 113 -12.26 5.78 -15.42
CA ASP A 113 -12.28 7.21 -15.14
C ASP A 113 -11.15 7.68 -14.21
N MET A 114 -10.11 6.84 -13.99
CA MET A 114 -8.93 7.16 -13.16
C MET A 114 -9.31 7.54 -11.72
N SER A 115 -10.07 6.66 -11.07
CA SER A 115 -10.52 6.83 -9.70
C SER A 115 -10.39 5.52 -8.95
N TRP A 116 -10.47 5.58 -7.62
CA TRP A 116 -10.56 4.40 -6.75
C TRP A 116 -12.06 4.37 -6.48
N THR A 117 -12.77 3.36 -7.02
CA THR A 117 -14.22 3.27 -6.89
C THR A 117 -14.58 2.18 -5.87
N CYS A 118 -15.10 2.61 -4.71
CA CYS A 118 -15.42 1.76 -3.56
C CYS A 118 -16.91 1.78 -3.21
N GLY A 119 -17.74 2.04 -4.21
CA GLY A 119 -19.19 2.08 -4.03
C GLY A 119 -19.79 3.24 -4.77
N ASN A 120 -20.83 3.84 -4.19
CA ASN A 120 -21.52 4.99 -4.79
C ASN A 120 -20.58 6.22 -4.84
N GLN A 121 -21.09 7.35 -5.31
CA GLN A 121 -20.33 8.59 -5.41
C GLN A 121 -19.62 8.97 -4.11
N ASP A 122 -20.18 8.60 -2.92
CA ASP A 122 -19.57 8.92 -1.61
C ASP A 122 -18.20 8.30 -1.43
N TYR A 123 -18.05 7.03 -1.84
CA TYR A 123 -16.79 6.30 -1.71
C TYR A 123 -16.06 6.15 -3.04
N LYS A 124 -16.07 7.23 -3.82
CA LYS A 124 -15.37 7.31 -5.10
C LYS A 124 -14.32 8.40 -4.92
N TYR A 125 -13.06 8.01 -5.05
CA TYR A 125 -11.94 8.92 -4.77
C TYR A 125 -11.16 9.25 -6.01
N ARG A 126 -10.90 10.54 -6.22
CA ARG A 126 -10.11 11.03 -7.37
C ARG A 126 -8.96 11.89 -6.84
N VAL A 127 -8.13 12.48 -7.74
CA VAL A 127 -7.01 13.40 -7.44
C VAL A 127 -7.46 14.51 -6.46
N SER A 128 -8.62 15.15 -6.77
CA SER A 128 -9.23 16.23 -6.00
C SER A 128 -9.53 15.83 -4.55
N ASP A 129 -9.89 14.56 -4.31
CA ASP A 129 -10.15 14.06 -2.95
C ASP A 129 -8.90 13.97 -2.11
N VAL A 130 -7.75 13.64 -2.75
CA VAL A 130 -6.47 13.53 -2.04
C VAL A 130 -5.94 14.94 -1.70
N THR A 131 -6.14 15.90 -2.63
CA THR A 131 -5.74 17.30 -2.43
C THR A 131 -6.56 17.91 -1.31
N LYS A 132 -7.84 17.49 -1.19
CA LYS A 132 -8.75 17.95 -0.11
C LYS A 132 -8.32 17.41 1.24
N ALA A 133 -7.40 16.42 1.28
CA ALA A 133 -6.83 15.91 2.52
C ALA A 133 -5.49 16.61 2.86
N GLY A 134 -5.08 17.60 2.05
CA GLY A 134 -3.86 18.39 2.29
C GLY A 134 -2.60 17.95 1.57
N HIS A 135 -2.73 16.97 0.67
CA HIS A 135 -1.63 16.47 -0.13
C HIS A 135 -1.53 17.29 -1.40
N SER A 136 -0.36 17.31 -2.03
CA SER A 136 -0.21 18.12 -3.23
C SER A 136 0.14 17.28 -4.47
N LEU A 137 0.10 17.92 -5.65
CA LEU A 137 0.31 17.26 -6.95
C LEU A 137 1.63 16.49 -7.10
N GLU A 138 2.71 16.86 -6.39
CA GLU A 138 3.99 16.12 -6.48
C GLU A 138 3.86 14.66 -6.00
N LEU A 139 2.81 14.37 -5.21
CA LEU A 139 2.51 13.01 -4.75
C LEU A 139 1.43 12.37 -5.64
N ILE A 140 0.29 13.04 -5.80
CA ILE A 140 -0.88 12.48 -6.49
C ILE A 140 -0.65 12.20 -7.98
N GLU A 141 0.04 13.08 -8.72
CA GLU A 141 0.26 12.81 -10.15
C GLU A 141 1.12 11.52 -10.35
N PRO A 142 2.32 11.34 -9.73
CA PRO A 142 2.99 10.02 -9.90
C PRO A 142 2.23 8.89 -9.23
N LEU A 143 1.35 9.18 -8.25
CA LEU A 143 0.56 8.11 -7.62
C LEU A 143 -0.44 7.53 -8.65
N ILE A 144 -1.17 8.39 -9.39
CA ILE A 144 -2.11 7.93 -10.45
C ILE A 144 -1.35 7.18 -11.54
N LYS A 145 -0.16 7.69 -11.92
CA LYS A 145 0.71 7.06 -12.93
C LYS A 145 1.12 5.65 -12.45
N PHE A 146 1.46 5.54 -11.16
CA PHE A 146 1.81 4.27 -10.53
C PHE A 146 0.63 3.30 -10.59
N GLN A 147 -0.58 3.77 -10.20
CA GLN A 147 -1.79 2.94 -10.20
C GLN A 147 -2.09 2.37 -11.59
N VAL A 148 -1.94 3.20 -12.63
CA VAL A 148 -2.17 2.77 -14.03
C VAL A 148 -1.15 1.72 -14.50
N GLY A 149 0.13 2.00 -14.30
CA GLY A 149 1.21 1.10 -14.67
C GLY A 149 1.06 -0.24 -13.95
N LEU A 150 0.66 -0.19 -12.67
CA LEU A 150 0.43 -1.41 -11.89
C LEU A 150 -0.77 -2.20 -12.41
N LYS A 151 -1.90 -1.51 -12.66
CA LYS A 151 -3.14 -2.12 -13.18
C LYS A 151 -2.87 -2.84 -14.54
N LYS A 152 -2.02 -2.23 -15.38
CA LYS A 152 -1.69 -2.75 -16.71
C LYS A 152 -0.83 -4.02 -16.67
N LEU A 153 -0.26 -4.35 -15.51
CA LEU A 153 0.50 -5.60 -15.35
C LEU A 153 -0.45 -6.80 -15.31
N ASN A 154 -1.73 -6.56 -14.99
CA ASN A 154 -2.80 -7.58 -14.85
C ASN A 154 -2.29 -8.72 -13.95
N LEU A 155 -1.75 -8.37 -12.79
CA LEU A 155 -1.18 -9.34 -11.87
C LEU A 155 -2.17 -10.42 -11.46
N HIS A 156 -1.70 -11.66 -11.41
CA HIS A 156 -2.48 -12.76 -10.87
C HIS A 156 -2.51 -12.45 -9.36
N GLU A 157 -3.53 -12.92 -8.63
CA GLU A 157 -3.60 -12.69 -7.19
C GLU A 157 -2.37 -13.22 -6.47
N GLU A 158 -1.81 -14.36 -6.96
CA GLU A 158 -0.58 -14.96 -6.45
C GLU A 158 0.60 -13.97 -6.57
N GLU A 159 0.70 -13.27 -7.69
CA GLU A 159 1.81 -12.31 -7.88
C GLU A 159 1.59 -11.07 -7.00
N HIS A 160 0.32 -10.65 -6.81
CA HIS A 160 -0.06 -9.51 -6.01
C HIS A 160 0.32 -9.72 -4.54
N VAL A 161 -0.02 -10.90 -3.97
CA VAL A 161 0.25 -11.21 -2.57
C VAL A 161 1.75 -11.38 -2.32
N LEU A 162 2.48 -11.94 -3.32
CA LEU A 162 3.94 -12.07 -3.23
C LEU A 162 4.61 -10.69 -3.27
N LEU A 163 4.16 -9.80 -4.16
CA LEU A 163 4.68 -8.43 -4.27
C LEU A 163 4.50 -7.64 -2.95
N MET A 164 3.31 -7.75 -2.31
CA MET A 164 3.07 -7.07 -1.02
C MET A 164 4.01 -7.63 0.05
N ALA A 165 4.15 -8.97 0.10
CA ALA A 165 5.03 -9.63 1.06
C ALA A 165 6.48 -9.20 0.87
N ILE A 166 6.95 -9.16 -0.37
CA ILE A 166 8.32 -8.75 -0.72
C ILE A 166 8.55 -7.29 -0.31
N CYS A 167 7.53 -6.45 -0.54
CA CYS A 167 7.55 -5.05 -0.17
C CYS A 167 7.75 -4.89 1.33
N ILE A 168 6.99 -5.66 2.14
CA ILE A 168 7.08 -5.58 3.60
C ILE A 168 8.47 -6.07 4.10
N VAL A 169 8.88 -7.24 3.65
CA VAL A 169 10.12 -7.87 4.13
C VAL A 169 11.34 -7.37 3.33
N SER A 170 11.68 -6.08 3.46
CA SER A 170 12.78 -5.46 2.72
C SER A 170 13.98 -5.22 3.65
N PRO A 171 15.19 -5.77 3.33
CA PRO A 171 16.31 -5.60 4.25
C PRO A 171 16.90 -4.18 4.26
N ASP A 172 16.65 -3.41 3.19
CA ASP A 172 17.17 -2.05 3.04
C ASP A 172 16.23 -0.96 3.63
N ARG A 173 15.54 -1.25 4.72
CA ARG A 173 14.74 -0.24 5.41
C ARG A 173 15.59 0.33 6.55
N PRO A 174 15.59 1.66 6.80
CA PRO A 174 16.40 2.20 7.91
C PRO A 174 15.92 1.75 9.29
N GLY A 175 16.87 1.42 10.16
CA GLY A 175 16.61 0.99 11.53
C GLY A 175 16.54 -0.50 11.73
N VAL A 176 16.62 -1.30 10.64
CA VAL A 176 16.58 -2.76 10.76
C VAL A 176 17.87 -3.30 11.40
N GLN A 177 17.74 -4.30 12.29
CA GLN A 177 18.88 -4.88 12.98
C GLN A 177 19.42 -6.11 12.27
N ASP A 178 18.56 -7.12 12.03
CA ASP A 178 18.97 -8.33 11.32
C ASP A 178 18.63 -8.29 9.82
N ALA A 179 19.36 -7.46 9.05
CA ALA A 179 19.17 -7.34 7.61
C ALA A 179 19.40 -8.65 6.87
N ALA A 180 20.34 -9.50 7.36
CA ALA A 180 20.65 -10.78 6.73
C ALA A 180 19.46 -11.76 6.78
N LEU A 181 18.77 -11.85 7.93
CA LEU A 181 17.60 -12.72 8.12
C LEU A 181 16.45 -12.21 7.26
N ILE A 182 16.23 -10.86 7.27
CA ILE A 182 15.19 -10.21 6.46
C ILE A 182 15.43 -10.53 4.99
N GLU A 183 16.70 -10.41 4.53
CA GLU A 183 17.07 -10.74 3.17
C GLU A 183 16.79 -12.19 2.83
N ALA A 184 17.08 -13.15 3.76
CA ALA A 184 16.85 -14.58 3.46
C ALA A 184 15.34 -14.84 3.35
N ILE A 185 14.54 -14.21 4.20
CA ILE A 185 13.07 -14.34 4.12
C ILE A 185 12.59 -13.76 2.78
N GLN A 186 13.04 -12.55 2.43
CA GLN A 186 12.66 -11.90 1.16
C GLN A 186 13.09 -12.69 -0.07
N ASP A 187 14.32 -13.27 -0.04
CA ASP A 187 14.84 -14.08 -1.16
C ASP A 187 13.97 -15.30 -1.41
N ARG A 188 13.46 -15.93 -0.34
CA ARG A 188 12.59 -17.12 -0.42
C ARG A 188 11.27 -16.71 -1.15
N LEU A 189 10.76 -15.49 -0.84
CA LEU A 189 9.57 -14.94 -1.48
C LEU A 189 9.85 -14.55 -2.94
N SER A 190 10.99 -13.85 -3.20
CA SER A 190 11.39 -13.44 -4.55
C SER A 190 11.56 -14.63 -5.48
N ASN A 191 12.18 -15.71 -4.98
CA ASN A 191 12.40 -16.94 -5.76
C ASN A 191 11.04 -17.59 -6.05
N THR A 192 10.09 -17.56 -5.07
CA THR A 192 8.74 -18.08 -5.26
C THR A 192 8.07 -17.30 -6.39
N LEU A 193 8.13 -15.95 -6.32
CA LEU A 193 7.52 -15.09 -7.34
C LEU A 193 8.13 -15.33 -8.72
N GLN A 194 9.46 -15.37 -8.80
CA GLN A 194 10.15 -15.60 -10.06
C GLN A 194 9.80 -16.96 -10.68
N THR A 195 9.78 -18.02 -9.85
CA THR A 195 9.44 -19.39 -10.30
C THR A 195 8.00 -19.38 -10.76
N TYR A 196 7.10 -18.76 -9.96
CA TYR A 196 5.68 -18.67 -10.32
C TYR A 196 5.47 -18.04 -11.69
N ILE A 197 6.06 -16.86 -11.94
CA ILE A 197 5.91 -16.14 -13.21
C ILE A 197 6.33 -17.03 -14.40
N ARG A 198 7.51 -17.65 -14.29
CA ARG A 198 8.06 -18.51 -15.35
C ARG A 198 7.22 -19.71 -15.70
N CYS A 199 6.43 -20.29 -14.76
CA CYS A 199 5.64 -21.46 -15.18
C CYS A 199 4.12 -21.25 -15.16
N ARG A 200 3.61 -20.13 -14.63
CA ARG A 200 2.14 -19.97 -14.59
C ARG A 200 1.61 -18.76 -15.36
N HIS A 201 2.45 -17.75 -15.60
CA HIS A 201 1.99 -16.56 -16.29
C HIS A 201 2.07 -16.75 -17.79
N PRO A 202 0.92 -16.70 -18.52
CA PRO A 202 0.95 -16.92 -19.98
C PRO A 202 1.55 -15.76 -20.78
N PRO A 203 2.13 -16.04 -21.99
CA PRO A 203 2.71 -14.95 -22.80
C PRO A 203 1.65 -14.07 -23.48
N PRO A 204 1.95 -12.79 -23.85
CA PRO A 204 3.22 -12.05 -23.65
C PRO A 204 3.39 -11.47 -22.25
N LEU A 208 9.69 -10.52 -18.76
CA LEU A 208 9.86 -9.11 -18.42
C LEU A 208 8.96 -8.67 -17.25
N LEU A 209 7.98 -9.51 -16.86
CA LEU A 209 7.06 -9.19 -15.77
C LEU A 209 7.81 -8.98 -14.46
N TYR A 210 8.70 -9.92 -14.08
CA TYR A 210 9.44 -9.80 -12.83
C TYR A 210 10.18 -8.47 -12.73
N ALA A 211 10.95 -8.09 -13.79
CA ALA A 211 11.66 -6.81 -13.83
C ALA A 211 10.67 -5.62 -13.68
N LYS A 212 9.48 -5.70 -14.30
CA LYS A 212 8.45 -4.64 -14.17
C LYS A 212 7.91 -4.57 -12.73
N MET A 213 7.79 -5.71 -12.06
CA MET A 213 7.31 -5.78 -10.68
C MET A 213 8.36 -5.17 -9.71
N ILE A 214 9.66 -5.42 -9.97
CA ILE A 214 10.80 -4.89 -9.21
C ILE A 214 10.88 -3.37 -9.36
N GLN A 215 10.64 -2.89 -10.58
CA GLN A 215 10.61 -1.46 -10.89
C GLN A 215 9.48 -0.76 -10.11
N LYS A 216 8.33 -1.44 -9.94
CA LYS A 216 7.19 -0.91 -9.16
C LYS A 216 7.58 -0.74 -7.69
N LEU A 217 8.44 -1.62 -7.17
CA LEU A 217 8.96 -1.56 -5.80
C LEU A 217 9.83 -0.33 -5.62
N ALA A 218 10.65 -0.01 -6.66
CA ALA A 218 11.50 1.20 -6.65
C ALA A 218 10.59 2.45 -6.75
N ASP A 219 9.55 2.40 -7.59
CA ASP A 219 8.56 3.49 -7.71
C ASP A 219 7.89 3.75 -6.36
N LEU A 220 7.56 2.68 -5.61
CA LEU A 220 6.94 2.81 -4.28
C LEU A 220 7.86 3.51 -3.28
N ARG A 221 9.20 3.33 -3.40
CA ARG A 221 10.16 4.05 -2.52
C ARG A 221 10.07 5.56 -2.73
N SER A 222 9.96 6.01 -4.01
CA SER A 222 9.90 7.44 -4.37
C SER A 222 8.61 8.03 -3.85
N LEU A 223 7.50 7.29 -4.02
CA LEU A 223 6.19 7.72 -3.53
C LEU A 223 6.17 7.77 -1.99
N ASN A 224 6.86 6.84 -1.35
CA ASN A 224 6.94 6.79 0.10
C ASN A 224 7.63 8.04 0.65
N GLU A 225 8.79 8.41 0.08
CA GLU A 225 9.55 9.59 0.47
C GLU A 225 8.75 10.85 0.28
N GLU A 226 8.03 10.98 -0.86
CA GLU A 226 7.21 12.18 -1.09
C GLU A 226 6.03 12.23 -0.11
N HIS A 227 5.41 11.06 0.18
CA HIS A 227 4.31 11.00 1.15
C HIS A 227 4.77 11.45 2.53
N SER A 228 5.98 10.99 2.97
CA SER A 228 6.59 11.36 4.25
C SER A 228 6.77 12.88 4.34
N LYS A 229 7.26 13.52 3.25
CA LYS A 229 7.47 14.99 3.22
C LYS A 229 6.12 15.71 3.34
N GLN A 230 5.10 15.19 2.63
CA GLN A 230 3.76 15.76 2.64
C GLN A 230 3.04 15.57 3.96
N TYR A 231 3.23 14.41 4.59
CA TYR A 231 2.64 14.14 5.89
C TYR A 231 3.21 15.13 6.92
N ARG A 232 4.54 15.38 6.86
CA ARG A 232 5.19 16.34 7.77
C ARG A 232 4.57 17.73 7.65
N CYS A 233 4.35 18.24 6.42
CA CYS A 233 3.72 19.55 6.22
C CYS A 233 2.34 19.56 6.85
N LEU A 234 1.54 18.53 6.53
CA LEU A 234 0.20 18.36 7.03
C LEU A 234 0.13 18.36 8.57
N SER A 235 1.08 17.66 9.21
CA SER A 235 1.16 17.55 10.67
C SER A 235 1.39 18.90 11.37
N PHE A 236 1.91 19.91 10.64
CA PHE A 236 2.13 21.27 11.18
C PHE A 236 0.87 22.11 11.22
N GLN A 237 -0.21 21.64 10.57
CA GLN A 237 -1.44 22.39 10.55
C GLN A 237 -2.08 22.32 11.94
N PRO A 238 -2.41 23.47 12.58
CA PRO A 238 -3.03 23.39 13.92
C PRO A 238 -4.33 22.61 13.90
N GLU A 239 -4.54 21.79 14.94
CA GLU A 239 -5.71 20.91 15.13
C GLU A 239 -5.70 19.69 14.19
N CYS A 240 -4.57 19.42 13.49
CA CYS A 240 -4.45 18.27 12.58
C CYS A 240 -4.55 16.92 13.28
N SER A 241 -3.94 16.78 14.47
CA SER A 241 -3.90 15.49 15.15
C SER A 241 -5.32 14.88 15.38
N MET A 242 -6.34 15.71 15.69
CA MET A 242 -7.73 15.26 15.88
C MET A 242 -8.34 14.69 14.57
N LYS A 243 -7.84 15.13 13.40
CA LYS A 243 -8.29 14.66 12.10
C LYS A 243 -7.59 13.37 11.69
N LEU A 244 -6.51 13.01 12.40
CA LEU A 244 -5.78 11.77 12.14
C LEU A 244 -6.24 10.68 13.09
N THR A 245 -5.42 9.66 13.35
CA THR A 245 -5.79 8.62 14.31
C THR A 245 -4.53 8.34 15.12
N PRO A 246 -4.63 7.72 16.33
CA PRO A 246 -3.42 7.37 17.08
C PRO A 246 -2.46 6.50 16.28
N LEU A 247 -3.00 5.52 15.50
CA LEU A 247 -2.12 4.66 14.71
C LEU A 247 -1.37 5.42 13.61
N VAL A 248 -2.09 6.29 12.87
CA VAL A 248 -1.51 7.13 11.80
C VAL A 248 -0.42 8.05 12.40
N LEU A 249 -0.72 8.67 13.57
CA LEU A 249 0.25 9.54 14.26
C LEU A 249 1.54 8.81 14.58
N GLU A 250 1.44 7.57 15.08
CA GLU A 250 2.62 6.77 15.41
C GLU A 250 3.41 6.33 14.18
N VAL A 251 2.73 5.77 13.18
CA VAL A 251 3.37 5.23 11.97
C VAL A 251 4.09 6.32 11.16
N PHE A 252 3.44 7.47 10.98
CA PHE A 252 4.02 8.50 10.12
C PHE A 252 4.73 9.64 10.87
N GLY A 253 4.53 9.74 12.18
CA GLY A 253 5.18 10.78 12.99
C GLY A 253 6.58 10.37 13.41
C1 DS4 B . -7.81 2.78 -0.26
C2 DS4 B . -8.36 3.64 -1.24
C3 DS4 B . -7.68 4.78 -1.65
C4 DS4 B . -6.45 5.14 -1.05
C5 DS4 B . -5.92 4.27 -0.04
C6 DS4 B . -6.59 3.12 0.36
C10 DS4 B . -5.64 6.34 -1.52
C11 DS4 B . -5.03 7.20 -0.40
C12 DS4 B . -6.47 7.35 -2.36
C13 DS4 B . -4.59 5.76 -2.57
C14 DS4 B . -3.43 4.87 -2.11
C20 DS4 B . -7.64 8.05 -1.64
C26 DS4 B . -3.81 7.84 -0.68
C27 DS4 B . -3.24 8.66 0.29
C28 DS4 B . -3.89 8.92 1.51
C29 DS4 B . -5.12 8.30 1.82
C30 DS4 B . -5.69 7.45 0.85
C34 DS4 B . -9.65 3.39 -1.93
C9 DS4 B . -1.95 9.30 -0.06
C8 DS4 B . -3.10 9.81 2.37
C43 DS4 B . -2.98 9.56 3.66
C44 DS4 B . -2.52 10.33 4.87
O47 DS4 B . -1.42 10.96 4.46
C7 DS4 B . -2.02 9.37 5.95
F5 DS4 B . -1.15 9.96 7.05
C15 DS4 B . -3.44 11.42 5.42
F2 DS4 B . -2.72 12.16 6.54
F3 DS4 B . -4.69 10.80 6.00
F1 DS4 B . -3.84 12.45 4.39
F6 DS4 B . -1.20 8.29 5.31
F4 DS4 B . -3.23 8.75 6.60
C50 DS4 B . -8.87 0.56 -0.78
C51 DS4 B . -8.49 1.53 0.21
C52 DS4 B . -8.75 1.29 1.56
C53 DS4 B . -9.38 0.10 1.93
C54 DS4 B . -9.78 -0.85 0.97
C55 DS4 B . -9.54 -0.61 -0.40
C56 DS4 B . -10.48 -2.09 1.44
C57 DS4 B . -9.54 -3.00 2.22
O58 DS4 B . -10.02 -4.08 2.83
O59 DS4 B . -8.27 -2.74 2.31
F60 DS4 B . -9.63 -0.15 3.40
#